data_7MF4
#
_entry.id   7MF4
#
_cell.length_a   73.268
_cell.length_b   73.268
_cell.length_c   233.746
_cell.angle_alpha   90.000
_cell.angle_beta   90.000
_cell.angle_gamma   90.000
#
_symmetry.space_group_name_H-M   'P 43 21 2'
#
loop_
_entity.id
_entity.type
_entity.pdbx_description
1 polymer 'Malic enzyme'
2 non-polymer 'CITRIC ACID'
3 non-polymer '4-(2-HYDROXYETHYL)-1-PIPERAZINE ETHANESULFONIC ACID'
4 water water
#
_entity_poly.entity_id   1
_entity_poly.type   'polypeptide(L)'
_entity_poly.pdbx_seq_one_letter_code
;QGRAILTDRYINRGTAFTMEERQKLHILGRLPPVVETLEEQVARVYGQVKKYEKPINRYQHLVSVHSTNTTLYYATILAH
LEEMLPIIYTPTVGEACMEYSHLFFRERGVYFNRLYKGQFRNIMRDAGYQKVEVVVITDGSRILGLGDLGSNGIGISIGK
CSLYVAGAGIDPRLIVPVILDVGTNNERYLQDKDYLGMREKRLGDEEFYELLDEFMEAASAEWPNAVIQFEDFSNNHCFD
IMERYQKKYRCFNDDIQGTGAVIAAGFLNAIKLSGVSPLQQRIVVFGAGSAAVGVANNIAALAARMYKFPVQDLVKTFYL
VDTKGLVTTTRGDQLAAHKKLLARTDVSAEDSAKLRTLEEIVRFVKPTTLLGLGGVGPAFTEEIVKMVMQNTERPIIFPL
SNPTSKAEVTPENAYKWTNGAAIVASGSPFPPTTIGGKTFKPSQGNNLYVFPGVGLGCALAQPTHIPEELLLTASESLNL
LTTEGDLREGRLYPPLEDIHNISANVATDVILEAQRMKIDNNKKLPRTRDELLAFVKKAMWKPVYSGEVGEQVL
;
_entity_poly.pdbx_strand_id   A
#
# COMPACT_ATOMS: atom_id res chain seq x y z
N GLN A 1 29.44 -26.00 3.21
CA GLN A 1 30.90 -25.59 3.09
C GLN A 1 31.22 -25.01 1.70
N GLY A 2 32.27 -24.20 1.64
CA GLY A 2 32.85 -23.73 0.38
C GLY A 2 31.95 -22.80 -0.41
N ARG A 3 32.06 -22.87 -1.72
CA ARG A 3 31.30 -21.95 -2.55
C ARG A 3 29.80 -22.22 -2.43
N ALA A 4 29.39 -23.39 -1.92
CA ALA A 4 27.95 -23.66 -1.73
C ALA A 4 27.36 -22.61 -0.75
N ILE A 5 28.16 -22.15 0.20
CA ILE A 5 27.69 -21.10 1.16
C ILE A 5 27.58 -19.78 0.41
N LEU A 6 28.60 -19.44 -0.39
CA LEU A 6 28.63 -18.15 -1.09
C LEU A 6 27.55 -18.05 -2.14
N THR A 7 27.04 -19.19 -2.63
CA THR A 7 26.02 -19.17 -3.70
C THR A 7 24.64 -19.47 -3.12
N ASP A 8 24.47 -19.46 -1.79
CA ASP A 8 23.15 -19.61 -1.14
C ASP A 8 22.75 -18.22 -0.62
N ARG A 9 21.81 -17.57 -1.28
CA ARG A 9 21.53 -16.15 -0.98
C ARG A 9 21.06 -15.97 0.46
N TYR A 10 20.50 -17.00 1.13
CA TYR A 10 19.97 -16.84 2.50
C TYR A 10 21.09 -16.91 3.53
N ILE A 11 22.17 -17.62 3.25
CA ILE A 11 23.26 -17.79 4.25
C ILE A 11 24.53 -17.06 3.84
N ASN A 12 24.68 -16.69 2.57
CA ASN A 12 25.87 -15.90 2.16
C ASN A 12 25.94 -14.59 2.95
N ARG A 13 27.13 -14.28 3.44
CA ARG A 13 27.42 -12.98 4.07
C ARG A 13 28.43 -12.21 3.24
N GLY A 14 28.99 -12.82 2.17
CA GLY A 14 30.03 -12.13 1.40
C GLY A 14 31.17 -11.67 2.27
N THR A 15 31.63 -10.45 2.03
CA THR A 15 32.78 -9.88 2.72
C THR A 15 32.58 -9.72 4.22
N ALA A 16 31.37 -10.03 4.75
CA ALA A 16 31.14 -9.93 6.21
C ALA A 16 31.53 -11.23 6.91
N PHE A 17 31.88 -12.26 6.17
CA PHE A 17 32.57 -13.43 6.77
C PHE A 17 33.93 -12.98 7.26
N THR A 18 34.19 -13.19 8.57
CA THR A 18 35.51 -12.87 9.20
C THR A 18 36.59 -13.80 8.62
N MET A 19 37.86 -13.42 8.82
CA MET A 19 38.97 -14.25 8.33
C MET A 19 38.88 -15.66 8.95
N GLU A 20 38.53 -15.75 10.24
CA GLU A 20 38.42 -17.05 10.94
C GLU A 20 37.26 -17.85 10.35
N GLU A 21 36.15 -17.18 10.05
CA GLU A 21 35.02 -17.92 9.43
C GLU A 21 35.43 -18.44 8.06
N ARG A 22 36.09 -17.59 7.27
CA ARG A 22 36.46 -17.97 5.90
C ARG A 22 37.34 -19.24 5.93
N GLN A 23 38.29 -19.30 6.86
CA GLN A 23 39.18 -20.48 7.08
C GLN A 23 38.33 -21.70 7.45
N LYS A 24 37.44 -21.55 8.41
CA LYS A 24 36.59 -22.68 8.87
C LYS A 24 35.66 -23.16 7.75
N LEU A 25 35.11 -22.26 6.95
CA LEU A 25 34.10 -22.62 5.93
C LEU A 25 34.73 -22.90 4.54
N HIS A 26 36.05 -22.95 4.42
CA HIS A 26 36.72 -23.26 3.14
C HIS A 26 36.38 -22.24 2.07
N ILE A 27 36.27 -20.98 2.44
CA ILE A 27 36.10 -19.87 1.46
C ILE A 27 37.23 -18.85 1.54
N LEU A 28 38.32 -19.16 2.20
CA LEU A 28 39.45 -18.26 2.23
C LEU A 28 39.94 -18.19 0.77
N GLY A 29 40.14 -17.02 0.28
CA GLY A 29 40.59 -17.03 -1.13
C GLY A 29 39.44 -17.12 -2.10
N ARG A 30 38.18 -17.11 -1.66
CA ARG A 30 37.03 -16.99 -2.58
C ARG A 30 36.37 -15.62 -2.48
N LEU A 31 36.98 -14.76 -1.65
CA LEU A 31 36.56 -13.35 -1.44
C LEU A 31 37.83 -12.51 -1.48
N PRO A 32 37.74 -11.23 -1.86
CA PRO A 32 38.82 -10.29 -1.62
C PRO A 32 39.03 -10.13 -0.11
N PRO A 33 40.20 -9.64 0.28
CA PRO A 33 40.64 -9.80 1.66
C PRO A 33 39.99 -8.89 2.70
N VAL A 34 39.39 -7.80 2.28
CA VAL A 34 38.74 -6.86 3.25
C VAL A 34 37.56 -7.59 3.91
N VAL A 35 37.46 -7.38 5.22
CA VAL A 35 36.28 -7.87 5.97
C VAL A 35 35.44 -6.63 6.28
N GLU A 36 34.15 -6.70 5.99
CA GLU A 36 33.21 -5.60 6.26
C GLU A 36 32.20 -6.04 7.30
N THR A 37 31.67 -5.05 8.04
CA THR A 37 30.45 -5.30 8.79
C THR A 37 29.24 -5.17 7.85
N LEU A 38 28.08 -5.61 8.31
CA LEU A 38 26.82 -5.42 7.57
C LEU A 38 26.62 -3.95 7.26
N GLU A 39 26.80 -3.07 8.25
CA GLU A 39 26.56 -1.63 8.02
C GLU A 39 27.49 -1.13 6.92
N GLU A 40 28.73 -1.60 6.91
CA GLU A 40 29.69 -1.18 5.86
C GLU A 40 29.22 -1.70 4.49
N GLN A 41 28.72 -2.92 4.44
CA GLN A 41 28.24 -3.51 3.14
C GLN A 41 27.06 -2.69 2.63
N VAL A 42 26.19 -2.32 3.55
CA VAL A 42 24.99 -1.51 3.19
C VAL A 42 25.51 -0.21 2.61
N ALA A 43 26.45 0.48 3.26
CA ALA A 43 26.95 1.76 2.70
C ALA A 43 27.55 1.59 1.29
N ARG A 44 28.28 0.52 1.10
CA ARG A 44 28.90 0.21 -0.20
C ARG A 44 27.83 -0.05 -1.26
N VAL A 45 26.84 -0.85 -0.91
CA VAL A 45 25.76 -1.16 -1.89
C VAL A 45 25.02 0.12 -2.22
N TYR A 46 24.69 0.92 -1.22
CA TYR A 46 24.00 2.20 -1.50
C TYR A 46 24.83 3.03 -2.48
N GLY A 47 26.15 3.10 -2.35
CA GLY A 47 26.91 3.80 -3.41
C GLY A 47 26.89 3.10 -4.75
N GLN A 48 26.93 1.78 -4.80
CA GLN A 48 26.81 1.04 -6.09
C GLN A 48 25.45 1.36 -6.74
N VAL A 49 24.41 1.58 -5.97
CA VAL A 49 23.06 1.92 -6.50
C VAL A 49 23.11 3.31 -7.12
N LYS A 50 23.68 4.27 -6.40
CA LYS A 50 23.65 5.70 -6.80
C LYS A 50 24.61 5.98 -7.95
N LYS A 51 25.47 5.04 -8.32
CA LYS A 51 26.39 5.13 -9.48
C LYS A 51 25.56 5.08 -10.77
N TYR A 52 24.41 4.38 -10.71
CA TYR A 52 23.43 4.31 -11.81
C TYR A 52 22.58 5.58 -11.77
N GLU A 53 22.45 6.16 -12.96
CA GLU A 53 21.61 7.32 -13.37
C GLU A 53 20.11 7.01 -13.28
N LYS A 54 19.69 5.95 -13.94
CA LYS A 54 18.24 5.78 -14.16
C LYS A 54 17.68 4.78 -13.15
N PRO A 55 16.45 5.03 -12.67
CA PRO A 55 15.79 4.11 -11.74
C PRO A 55 15.85 2.65 -12.21
N ILE A 56 15.66 2.35 -13.49
CA ILE A 56 15.63 0.93 -13.93
C ILE A 56 17.00 0.27 -13.70
N ASN A 57 18.09 0.98 -13.90
CA ASN A 57 19.43 0.41 -13.67
C ASN A 57 19.69 0.27 -12.14
N ARG A 58 19.19 1.17 -11.32
CA ARG A 58 19.24 1.09 -9.83
C ARG A 58 18.50 -0.18 -9.40
N TYR A 59 17.32 -0.36 -9.98
CA TYR A 59 16.49 -1.54 -9.72
C TYR A 59 17.29 -2.79 -10.09
N GLN A 60 17.85 -2.82 -11.30
CA GLN A 60 18.58 -3.99 -11.80
C GLN A 60 19.73 -4.34 -10.83
N HIS A 61 20.44 -3.32 -10.34
CA HIS A 61 21.52 -3.59 -9.34
C HIS A 61 20.96 -4.22 -8.07
N LEU A 62 19.86 -3.67 -7.59
CA LEU A 62 19.26 -4.19 -6.34
C LEU A 62 18.80 -5.61 -6.56
N VAL A 63 18.29 -5.97 -7.75
CA VAL A 63 17.86 -7.37 -8.05
C VAL A 63 19.08 -8.29 -7.86
N SER A 64 20.24 -7.89 -8.38
CA SER A 64 21.45 -8.73 -8.30
C SER A 64 21.85 -8.93 -6.84
N VAL A 65 21.70 -7.89 -6.01
CA VAL A 65 22.01 -8.06 -4.56
C VAL A 65 21.00 -9.01 -3.95
N HIS A 66 19.71 -8.82 -4.22
CA HIS A 66 18.67 -9.76 -3.73
C HIS A 66 19.02 -11.22 -4.13
N SER A 67 19.60 -11.43 -5.31
CA SER A 67 19.91 -12.81 -5.81
C SER A 67 21.09 -13.40 -5.11
N THR A 68 21.95 -12.61 -4.50
CA THR A 68 23.25 -13.12 -3.96
C THR A 68 23.35 -12.99 -2.44
N ASN A 69 22.63 -12.05 -1.84
CA ASN A 69 22.73 -11.84 -0.38
C ASN A 69 21.44 -11.21 0.17
N THR A 70 20.49 -12.06 0.51
CA THR A 70 19.12 -11.64 0.87
C THR A 70 19.18 -10.70 2.09
N THR A 71 19.98 -11.02 3.08
CA THR A 71 20.12 -10.20 4.30
C THR A 71 20.62 -8.80 3.91
N LEU A 72 21.66 -8.76 3.07
CA LEU A 72 22.23 -7.45 2.68
C LEU A 72 21.20 -6.68 1.90
N TYR A 73 20.43 -7.34 1.03
CA TYR A 73 19.42 -6.60 0.26
C TYR A 73 18.44 -5.92 1.23
N TYR A 74 17.85 -6.68 2.12
CA TYR A 74 16.82 -6.10 3.01
C TYR A 74 17.43 -5.07 3.95
N ALA A 75 18.69 -5.27 4.36
CA ALA A 75 19.36 -4.33 5.25
C ALA A 75 19.53 -3.00 4.51
N THR A 76 19.82 -3.03 3.22
CA THR A 76 20.04 -1.82 2.42
C THR A 76 18.69 -1.11 2.30
N ILE A 77 17.63 -1.83 1.94
CA ILE A 77 16.29 -1.22 1.78
C ILE A 77 15.89 -0.55 3.11
N LEU A 78 16.04 -1.24 4.23
CA LEU A 78 15.65 -0.65 5.55
C LEU A 78 16.47 0.58 5.91
N ALA A 79 17.75 0.65 5.56
CA ALA A 79 18.60 1.83 5.86
C ALA A 79 18.27 3.04 4.98
N HIS A 80 17.65 2.86 3.81
CA HIS A 80 17.40 3.93 2.84
C HIS A 80 15.98 3.80 2.31
N LEU A 81 15.04 3.56 3.20
CA LEU A 81 13.67 3.12 2.77
C LEU A 81 12.99 4.16 1.89
N GLU A 82 12.91 5.41 2.31
CA GLU A 82 12.18 6.47 1.59
C GLU A 82 12.78 6.60 0.18
N GLU A 83 14.10 6.55 0.05
CA GLU A 83 14.76 6.71 -1.25
C GLU A 83 14.56 5.45 -2.11
N MET A 84 14.65 4.28 -1.51
CA MET A 84 14.54 2.99 -2.25
C MET A 84 13.10 2.69 -2.67
N LEU A 85 12.08 3.11 -1.93
CA LEU A 85 10.66 2.70 -2.22
C LEU A 85 10.26 2.97 -3.65
N PRO A 86 10.55 4.15 -4.23
CA PRO A 86 10.18 4.40 -5.63
C PRO A 86 10.93 3.58 -6.69
N ILE A 87 12.02 2.94 -6.29
CA ILE A 87 12.84 2.08 -7.16
C ILE A 87 12.33 0.65 -7.06
N ILE A 88 12.10 0.12 -5.85
CA ILE A 88 11.77 -1.30 -5.67
C ILE A 88 10.25 -1.51 -5.82
N TYR A 89 9.48 -0.45 -5.82
CA TYR A 89 8.02 -0.58 -6.10
C TYR A 89 7.58 0.56 -7.01
N THR A 90 6.38 1.06 -6.81
CA THR A 90 5.79 2.07 -7.72
C THR A 90 6.65 3.31 -7.72
N PRO A 91 6.98 3.93 -8.88
CA PRO A 91 6.58 3.52 -10.22
C PRO A 91 7.58 2.67 -11.00
N THR A 92 8.77 2.44 -10.47
CA THR A 92 9.83 1.74 -11.23
C THR A 92 9.42 0.29 -11.50
N VAL A 93 8.76 -0.35 -10.54
CA VAL A 93 8.50 -1.81 -10.71
C VAL A 93 7.60 -1.97 -11.94
N GLY A 94 6.70 -1.06 -12.21
CA GLY A 94 5.77 -1.24 -13.33
C GLY A 94 6.55 -1.11 -14.62
N GLU A 95 7.52 -0.19 -14.67
CA GLU A 95 8.37 -0.05 -15.88
C GLU A 95 9.20 -1.31 -16.03
N ALA A 96 9.70 -1.91 -14.94
CA ALA A 96 10.49 -3.17 -15.01
C ALA A 96 9.60 -4.27 -15.59
N CYS A 97 8.37 -4.38 -15.11
CA CYS A 97 7.44 -5.40 -15.65
C CYS A 97 7.18 -5.16 -17.14
N MET A 98 6.97 -3.89 -17.52
N MET A 98 6.91 -3.92 -17.54
CA MET A 98 6.42 -3.61 -18.88
CA MET A 98 6.43 -3.66 -18.94
C MET A 98 7.51 -3.85 -19.92
C MET A 98 7.57 -4.03 -19.90
N GLU A 99 8.76 -3.57 -19.60
CA GLU A 99 9.84 -3.54 -20.63
C GLU A 99 11.05 -4.37 -20.23
N TYR A 100 11.22 -4.79 -18.98
CA TYR A 100 12.39 -5.53 -18.47
C TYR A 100 11.98 -6.76 -17.69
N SER A 101 10.93 -7.43 -18.15
CA SER A 101 10.36 -8.56 -17.39
C SER A 101 11.34 -9.70 -17.15
N HIS A 102 12.43 -9.80 -17.91
CA HIS A 102 13.49 -10.81 -17.69
C HIS A 102 14.10 -10.70 -16.28
N LEU A 103 14.02 -9.54 -15.63
CA LEU A 103 14.59 -9.27 -14.27
C LEU A 103 13.90 -10.17 -13.24
N PHE A 104 12.71 -10.70 -13.56
CA PHE A 104 11.90 -11.49 -12.59
C PHE A 104 12.04 -13.00 -12.76
N PHE A 105 12.70 -13.45 -13.85
CA PHE A 105 12.64 -14.86 -14.21
C PHE A 105 13.21 -15.73 -13.08
N ARG A 106 14.20 -15.24 -12.37
CA ARG A 106 14.90 -16.10 -11.41
C ARG A 106 14.20 -16.15 -10.04
N GLU A 107 13.22 -15.30 -9.82
CA GLU A 107 12.53 -15.20 -8.52
C GLU A 107 11.51 -16.37 -8.39
N ARG A 108 10.97 -16.51 -7.20
CA ARG A 108 10.12 -17.69 -6.85
C ARG A 108 8.66 -17.51 -7.30
N GLY A 109 8.45 -16.97 -8.48
CA GLY A 109 7.07 -16.83 -9.04
C GLY A 109 6.32 -18.16 -9.15
N VAL A 110 5.02 -18.10 -8.95
CA VAL A 110 4.08 -19.19 -9.22
C VAL A 110 3.06 -18.64 -10.21
N TYR A 111 2.86 -19.40 -11.27
CA TYR A 111 2.14 -18.98 -12.48
C TYR A 111 0.95 -19.92 -12.70
N PHE A 112 -0.26 -19.38 -12.71
CA PHE A 112 -1.49 -20.14 -13.00
C PHE A 112 -2.11 -19.59 -14.28
N ASN A 113 -2.83 -20.46 -14.99
CA ASN A 113 -3.58 -20.12 -16.21
C ASN A 113 -4.59 -21.26 -16.46
N ARG A 114 -5.44 -21.07 -17.45
CA ARG A 114 -6.50 -22.07 -17.75
C ARG A 114 -5.93 -23.39 -18.27
N LEU A 115 -4.70 -23.42 -18.80
CA LEU A 115 -4.09 -24.71 -19.22
C LEU A 115 -3.90 -25.64 -18.03
N TYR A 116 -3.75 -25.09 -16.80
CA TYR A 116 -3.47 -25.89 -15.59
C TYR A 116 -4.74 -26.07 -14.77
N LYS A 117 -5.91 -25.80 -15.32
CA LYS A 117 -7.21 -25.98 -14.62
C LYS A 117 -7.28 -27.37 -14.00
N GLY A 118 -7.65 -27.45 -12.72
CA GLY A 118 -7.72 -28.69 -11.94
C GLY A 118 -6.39 -29.13 -11.37
N GLN A 119 -5.29 -28.48 -11.71
CA GLN A 119 -3.95 -28.86 -11.21
C GLN A 119 -3.44 -27.80 -10.21
N PHE A 120 -4.22 -26.76 -9.88
CA PHE A 120 -3.66 -25.64 -9.05
C PHE A 120 -3.10 -26.17 -7.74
N ARG A 121 -3.84 -27.03 -7.04
CA ARG A 121 -3.38 -27.58 -5.75
C ARG A 121 -2.10 -28.39 -5.95
N ASN A 122 -2.01 -29.19 -7.01
CA ASN A 122 -0.77 -29.98 -7.28
C ASN A 122 0.42 -29.05 -7.50
N ILE A 123 0.23 -27.97 -8.26
CA ILE A 123 1.30 -26.95 -8.46
C ILE A 123 1.77 -26.38 -7.11
N MET A 124 0.83 -26.00 -6.26
CA MET A 124 1.15 -25.44 -4.92
C MET A 124 1.88 -26.48 -4.07
N ARG A 125 1.36 -27.72 -4.02
CA ARG A 125 1.97 -28.84 -3.25
C ARG A 125 3.41 -29.06 -3.73
N ASP A 126 3.66 -29.02 -5.03
CA ASP A 126 5.01 -29.30 -5.59
C ASP A 126 6.00 -28.18 -5.28
N ALA A 127 5.54 -26.96 -4.97
CA ALA A 127 6.39 -25.84 -4.58
C ALA A 127 6.99 -26.14 -3.20
N GLY A 128 6.34 -27.00 -2.40
CA GLY A 128 6.92 -27.48 -1.12
C GLY A 128 7.20 -26.36 -0.14
N TYR A 129 6.35 -25.33 -0.14
CA TYR A 129 6.51 -24.19 0.80
C TYR A 129 5.80 -24.55 2.10
N GLN A 130 6.55 -24.65 3.20
CA GLN A 130 5.95 -24.98 4.52
C GLN A 130 5.61 -23.65 5.20
N LYS A 131 4.40 -23.55 5.75
CA LYS A 131 4.03 -22.49 6.71
C LYS A 131 4.07 -21.13 6.00
N VAL A 132 3.71 -21.12 4.72
CA VAL A 132 3.59 -19.86 3.97
C VAL A 132 2.69 -18.88 4.75
N GLU A 133 3.12 -17.62 4.85
CA GLU A 133 2.37 -16.60 5.63
C GLU A 133 1.66 -15.59 4.77
N VAL A 134 2.23 -15.24 3.62
CA VAL A 134 1.70 -14.16 2.77
C VAL A 134 1.79 -14.61 1.31
N VAL A 135 0.68 -14.45 0.59
CA VAL A 135 0.63 -14.73 -0.87
C VAL A 135 0.12 -13.47 -1.53
N VAL A 136 0.90 -12.86 -2.42
CA VAL A 136 0.43 -11.71 -3.22
C VAL A 136 0.05 -12.19 -4.62
N ILE A 137 -1.17 -11.91 -5.05
CA ILE A 137 -1.67 -12.39 -6.36
C ILE A 137 -2.13 -11.18 -7.13
N THR A 138 -1.79 -11.18 -8.43
CA THR A 138 -2.27 -10.20 -9.39
C THR A 138 -2.66 -10.95 -10.68
N ASP A 139 -3.44 -10.32 -11.53
CA ASP A 139 -3.67 -10.78 -12.94
C ASP A 139 -3.07 -9.80 -13.93
N GLY A 140 -2.34 -8.81 -13.48
CA GLY A 140 -1.63 -7.83 -14.31
C GLY A 140 -2.60 -6.90 -15.00
N SER A 141 -3.85 -6.83 -14.54
CA SER A 141 -4.88 -5.98 -15.22
C SER A 141 -4.72 -4.49 -14.92
N ARG A 142 -4.17 -4.11 -13.76
CA ARG A 142 -3.77 -2.74 -13.25
C ARG A 142 -4.97 -2.05 -12.59
N ILE A 143 -4.81 -1.63 -11.33
CA ILE A 143 -5.87 -0.84 -10.62
C ILE A 143 -6.17 0.45 -11.40
N LEU A 144 -5.13 1.16 -11.85
CA LEU A 144 -5.26 2.51 -12.47
C LEU A 144 -5.53 2.36 -13.97
N GLY A 145 -5.76 1.12 -14.43
CA GLY A 145 -6.28 0.76 -15.75
C GLY A 145 -5.30 1.05 -16.89
N LEU A 146 -4.03 1.33 -16.61
CA LEU A 146 -3.02 1.70 -17.65
C LEU A 146 -1.90 0.66 -17.74
N GLY A 147 -1.48 0.33 -18.95
CA GLY A 147 -0.40 -0.65 -19.14
C GLY A 147 -0.78 -2.01 -18.57
N ASP A 148 -1.86 -2.64 -19.05
CA ASP A 148 -2.14 -4.11 -18.90
C ASP A 148 -0.78 -4.84 -19.10
N LEU A 149 -0.31 -5.58 -18.09
CA LEU A 149 1.01 -6.23 -18.09
C LEU A 149 0.81 -7.72 -18.34
N GLY A 150 -0.42 -8.21 -18.31
CA GLY A 150 -0.62 -9.66 -18.41
C GLY A 150 0.27 -10.47 -17.48
N SER A 151 0.93 -11.49 -18.01
CA SER A 151 1.83 -12.40 -17.26
C SER A 151 2.94 -11.62 -16.58
N ASN A 152 3.41 -10.54 -17.19
CA ASN A 152 4.54 -9.74 -16.68
C ASN A 152 4.13 -9.06 -15.35
N GLY A 153 2.87 -9.13 -14.99
CA GLY A 153 2.39 -8.68 -13.67
C GLY A 153 3.03 -9.47 -12.53
N ILE A 154 3.67 -10.60 -12.82
CA ILE A 154 4.40 -11.36 -11.76
C ILE A 154 5.39 -10.44 -11.04
N GLY A 155 5.97 -9.46 -11.73
CA GLY A 155 6.91 -8.56 -11.07
C GLY A 155 6.27 -7.68 -9.98
N ILE A 156 5.00 -7.30 -10.16
CA ILE A 156 4.23 -6.56 -9.15
C ILE A 156 4.09 -7.43 -7.93
N SER A 157 3.67 -8.68 -8.08
CA SER A 157 3.60 -9.60 -6.92
C SER A 157 4.97 -9.76 -6.24
N ILE A 158 6.01 -9.93 -7.01
CA ILE A 158 7.38 -10.06 -6.46
C ILE A 158 7.77 -8.81 -5.67
N GLY A 159 7.54 -7.59 -6.23
CA GLY A 159 7.90 -6.37 -5.52
C GLY A 159 7.06 -6.21 -4.25
N LYS A 160 5.79 -6.55 -4.31
CA LYS A 160 4.91 -6.33 -3.14
C LYS A 160 5.28 -7.32 -2.03
N CYS A 161 5.61 -8.56 -2.37
CA CYS A 161 6.09 -9.55 -1.38
C CYS A 161 7.33 -9.00 -0.64
N SER A 162 8.25 -8.37 -1.38
CA SER A 162 9.47 -7.80 -0.82
CA SER A 162 9.49 -7.82 -0.77
C SER A 162 9.13 -6.73 0.25
N LEU A 163 8.08 -5.97 0.02
CA LEU A 163 7.68 -4.92 0.98
C LEU A 163 7.11 -5.55 2.24
N TYR A 164 6.46 -6.72 2.21
CA TYR A 164 6.08 -7.41 3.47
C TYR A 164 7.33 -7.79 4.30
N VAL A 165 8.35 -8.28 3.60
CA VAL A 165 9.61 -8.71 4.26
C VAL A 165 10.26 -7.48 4.89
N ALA A 166 10.42 -6.39 4.13
CA ALA A 166 11.13 -5.19 4.62
C ALA A 166 10.30 -4.51 5.70
N GLY A 167 8.99 -4.42 5.50
CA GLY A 167 8.15 -3.56 6.34
C GLY A 167 7.72 -4.24 7.62
N ALA A 168 7.50 -5.54 7.61
CA ALA A 168 6.95 -6.26 8.78
C ALA A 168 7.77 -7.48 9.17
N GLY A 169 8.92 -7.71 8.54
CA GLY A 169 9.71 -8.90 8.93
C GLY A 169 8.94 -10.19 8.72
N ILE A 170 8.15 -10.28 7.66
CA ILE A 170 7.77 -11.61 7.15
C ILE A 170 9.05 -12.30 6.64
N ASP A 171 9.33 -13.50 7.10
CA ASP A 171 10.53 -14.21 6.67
C ASP A 171 10.46 -14.34 5.16
N PRO A 172 11.54 -13.99 4.41
CA PRO A 172 11.48 -14.10 2.96
C PRO A 172 11.21 -15.51 2.39
N ARG A 173 11.44 -16.56 3.18
CA ARG A 173 11.08 -17.93 2.73
C ARG A 173 9.59 -18.23 2.83
N LEU A 174 8.80 -17.32 3.45
CA LEU A 174 7.38 -17.65 3.82
C LEU A 174 6.44 -16.74 3.07
N ILE A 175 6.91 -16.21 1.96
CA ILE A 175 6.06 -15.35 1.11
C ILE A 175 6.12 -15.86 -0.32
N VAL A 176 5.01 -15.80 -1.03
CA VAL A 176 4.92 -16.40 -2.38
C VAL A 176 4.28 -15.36 -3.31
N PRO A 177 4.95 -15.05 -4.43
CA PRO A 177 4.36 -14.16 -5.42
C PRO A 177 3.66 -14.95 -6.52
N VAL A 178 2.43 -14.57 -6.89
CA VAL A 178 1.58 -15.34 -7.81
C VAL A 178 1.07 -14.43 -8.92
N ILE A 179 1.11 -14.95 -10.15
CA ILE A 179 0.39 -14.37 -11.31
C ILE A 179 -0.70 -15.34 -11.71
N LEU A 180 -1.93 -14.84 -11.76
CA LEU A 180 -3.06 -15.54 -12.37
C LEU A 180 -3.19 -14.97 -13.77
N ASP A 181 -2.61 -15.68 -14.76
CA ASP A 181 -2.64 -15.22 -16.15
C ASP A 181 -3.95 -15.67 -16.82
N VAL A 182 -4.86 -14.72 -16.97
CA VAL A 182 -6.17 -14.94 -17.63
C VAL A 182 -6.17 -14.23 -18.96
N GLY A 183 -5.00 -14.00 -19.53
CA GLY A 183 -4.85 -13.30 -20.81
C GLY A 183 -4.47 -11.86 -20.62
N THR A 184 -4.40 -11.14 -21.73
CA THR A 184 -4.00 -9.71 -21.72
C THR A 184 -4.66 -9.00 -22.86
N ASN A 185 -5.07 -7.77 -22.64
CA ASN A 185 -5.64 -6.93 -23.70
C ASN A 185 -4.57 -5.99 -24.20
N ASN A 186 -3.32 -6.18 -23.79
CA ASN A 186 -2.17 -5.37 -24.24
C ASN A 186 -1.85 -5.79 -25.68
N GLU A 187 -2.18 -4.96 -26.64
CA GLU A 187 -2.06 -5.37 -28.07
C GLU A 187 -0.60 -5.53 -28.44
N ARG A 188 0.31 -4.74 -27.88
CA ARG A 188 1.74 -4.94 -28.13
C ARG A 188 2.12 -6.35 -27.73
N TYR A 189 1.71 -6.76 -26.54
CA TYR A 189 2.14 -8.10 -26.05
C TYR A 189 1.52 -9.20 -26.91
N LEU A 190 0.26 -9.05 -27.31
CA LEU A 190 -0.43 -10.11 -28.09
C LEU A 190 0.31 -10.32 -29.39
N GLN A 191 1.04 -9.30 -29.89
CA GLN A 191 1.83 -9.45 -31.13
C GLN A 191 3.31 -9.72 -30.88
N ASP A 192 3.75 -9.67 -29.61
CA ASP A 192 5.19 -9.72 -29.30
C ASP A 192 5.67 -11.17 -29.27
N LYS A 193 6.64 -11.47 -30.12
CA LYS A 193 7.26 -12.81 -30.23
C LYS A 193 7.89 -13.22 -28.90
N ASP A 194 8.28 -12.24 -28.10
CA ASP A 194 8.96 -12.53 -26.81
C ASP A 194 8.02 -12.46 -25.61
N TYR A 195 6.71 -12.27 -25.79
CA TYR A 195 5.77 -12.33 -24.67
C TYR A 195 5.50 -13.80 -24.36
N LEU A 196 5.67 -14.19 -23.08
CA LEU A 196 5.72 -15.63 -22.68
C LEU A 196 4.40 -16.06 -22.00
N GLY A 197 3.45 -15.15 -21.85
CA GLY A 197 2.16 -15.45 -21.20
C GLY A 197 1.11 -15.96 -22.16
N MET A 198 -0.08 -16.18 -21.65
CA MET A 198 -1.21 -16.67 -22.44
C MET A 198 -1.49 -15.63 -23.53
N ARG A 199 -1.33 -16.04 -24.82
CA ARG A 199 -1.45 -15.08 -25.93
C ARG A 199 -2.90 -15.02 -26.42
N GLU A 200 -3.73 -14.40 -25.64
CA GLU A 200 -5.16 -14.25 -25.94
C GLU A 200 -5.67 -13.13 -25.07
N LYS A 201 -6.76 -12.52 -25.53
CA LYS A 201 -7.49 -11.50 -24.76
C LYS A 201 -8.04 -12.06 -23.43
N ARG A 202 -8.30 -11.14 -22.50
CA ARG A 202 -8.66 -11.52 -21.12
C ARG A 202 -9.98 -12.31 -21.15
N LEU A 203 -10.00 -13.40 -20.41
CA LEU A 203 -11.16 -14.28 -20.19
C LEU A 203 -12.35 -13.47 -19.65
N GLY A 204 -13.54 -13.93 -20.05
CA GLY A 204 -14.80 -13.40 -19.53
C GLY A 204 -14.96 -13.69 -18.07
N ASP A 205 -15.91 -13.05 -17.43
CA ASP A 205 -16.06 -13.17 -15.96
C ASP A 205 -16.31 -14.60 -15.52
N GLU A 206 -17.15 -15.37 -16.20
CA GLU A 206 -17.43 -16.73 -15.72
C GLU A 206 -16.14 -17.56 -15.61
N GLU A 207 -15.35 -17.60 -16.68
CA GLU A 207 -14.12 -18.40 -16.66
C GLU A 207 -13.08 -17.78 -15.69
N PHE A 208 -13.04 -16.45 -15.61
CA PHE A 208 -12.17 -15.72 -14.66
C PHE A 208 -12.41 -16.25 -13.25
N TYR A 209 -13.66 -16.29 -12.81
CA TYR A 209 -14.00 -16.72 -11.45
C TYR A 209 -13.84 -18.21 -11.33
N GLU A 210 -14.03 -19.00 -12.39
CA GLU A 210 -13.78 -20.45 -12.22
C GLU A 210 -12.30 -20.64 -11.83
N LEU A 211 -11.40 -19.93 -12.46
CA LEU A 211 -9.94 -20.10 -12.17
C LEU A 211 -9.61 -19.47 -10.80
N LEU A 212 -10.10 -18.29 -10.53
CA LEU A 212 -9.76 -17.63 -9.24
C LEU A 212 -10.39 -18.39 -8.07
N ASP A 213 -11.60 -18.93 -8.23
CA ASP A 213 -12.17 -19.84 -7.20
C ASP A 213 -11.27 -21.03 -6.98
N GLU A 214 -10.71 -21.63 -8.04
CA GLU A 214 -9.86 -22.83 -7.84
C GLU A 214 -8.60 -22.37 -7.10
N PHE A 215 -8.08 -21.19 -7.45
CA PHE A 215 -6.90 -20.63 -6.76
C PHE A 215 -7.16 -20.49 -5.26
N MET A 216 -8.28 -19.89 -4.89
CA MET A 216 -8.55 -19.57 -3.47
C MET A 216 -8.72 -20.89 -2.69
N GLU A 217 -9.41 -21.86 -3.29
CA GLU A 217 -9.68 -23.14 -2.63
C GLU A 217 -8.39 -23.91 -2.46
N ALA A 218 -7.57 -23.94 -3.50
CA ALA A 218 -6.28 -24.62 -3.48
C ALA A 218 -5.40 -23.98 -2.44
N ALA A 219 -5.27 -22.65 -2.43
CA ALA A 219 -4.42 -21.96 -1.44
C ALA A 219 -4.93 -22.22 -0.02
N SER A 220 -6.24 -22.34 0.15
N SER A 220 -6.25 -22.27 0.16
CA SER A 220 -6.78 -22.55 1.52
CA SER A 220 -6.90 -22.54 1.47
C SER A 220 -6.37 -23.92 2.01
C SER A 220 -6.50 -23.91 2.01
N ALA A 221 -6.24 -24.88 1.12
CA ALA A 221 -5.83 -26.26 1.51
C ALA A 221 -4.32 -26.42 1.64
N GLU A 222 -3.52 -25.88 0.71
CA GLU A 222 -2.06 -26.14 0.66
C GLU A 222 -1.27 -25.07 1.40
N TRP A 223 -1.78 -23.85 1.46
CA TRP A 223 -1.11 -22.73 2.17
C TRP A 223 -2.12 -22.23 3.21
N PRO A 224 -2.59 -23.12 4.13
CA PRO A 224 -3.75 -22.77 4.97
C PRO A 224 -3.51 -21.63 5.96
N ASN A 225 -2.25 -21.34 6.28
CA ASN A 225 -1.90 -20.31 7.28
C ASN A 225 -1.74 -18.96 6.58
N ALA A 226 -1.83 -18.87 5.26
CA ALA A 226 -1.46 -17.64 4.52
C ALA A 226 -2.58 -16.61 4.53
N VAL A 227 -2.19 -15.34 4.46
CA VAL A 227 -3.07 -14.24 4.02
C VAL A 227 -2.92 -14.15 2.51
N ILE A 228 -4.03 -14.04 1.79
CA ILE A 228 -4.03 -13.86 0.34
C ILE A 228 -4.29 -12.36 0.08
N GLN A 229 -3.34 -11.65 -0.51
CA GLN A 229 -3.54 -10.21 -0.78
C GLN A 229 -3.64 -9.99 -2.29
N PHE A 230 -4.77 -9.45 -2.73
CA PHE A 230 -5.01 -9.09 -4.13
C PHE A 230 -4.36 -7.77 -4.43
N GLU A 231 -3.56 -7.71 -5.50
CA GLU A 231 -2.80 -6.50 -5.86
C GLU A 231 -3.05 -6.16 -7.31
N ASP A 232 -3.36 -4.89 -7.59
CA ASP A 232 -3.30 -4.35 -8.96
C ASP A 232 -4.29 -5.07 -9.87
N PHE A 233 -5.46 -5.39 -9.35
CA PHE A 233 -6.62 -5.85 -10.15
C PHE A 233 -7.42 -4.62 -10.60
N SER A 234 -7.92 -4.68 -11.81
CA SER A 234 -8.76 -3.63 -12.43
C SER A 234 -10.12 -3.50 -11.70
N ASN A 235 -10.73 -2.33 -11.90
CA ASN A 235 -11.99 -1.97 -11.20
C ASN A 235 -13.15 -2.85 -11.58
N ASN A 236 -13.15 -3.46 -12.77
CA ASN A 236 -14.28 -4.35 -13.10
C ASN A 236 -14.28 -5.58 -12.20
N HIS A 237 -13.16 -5.92 -11.54
CA HIS A 237 -13.11 -7.11 -10.67
C HIS A 237 -12.74 -6.83 -9.22
N CYS A 238 -11.95 -5.82 -8.92
CA CYS A 238 -11.28 -5.76 -7.59
C CYS A 238 -12.32 -5.68 -6.44
N PHE A 239 -13.40 -4.91 -6.61
CA PHE A 239 -14.44 -4.79 -5.56
C PHE A 239 -15.21 -6.09 -5.53
N ASP A 240 -15.60 -6.65 -6.68
CA ASP A 240 -16.40 -7.90 -6.70
C ASP A 240 -15.60 -9.06 -6.10
N ILE A 241 -14.28 -9.12 -6.33
CA ILE A 241 -13.43 -10.18 -5.71
C ILE A 241 -13.60 -10.12 -4.18
N MET A 242 -13.46 -8.94 -3.61
CA MET A 242 -13.60 -8.80 -2.13
C MET A 242 -15.00 -9.24 -1.72
N GLU A 243 -16.07 -8.83 -2.42
CA GLU A 243 -17.41 -9.30 -2.00
C GLU A 243 -17.49 -10.82 -2.10
N ARG A 244 -16.84 -11.45 -3.09
CA ARG A 244 -16.95 -12.92 -3.29
C ARG A 244 -16.25 -13.68 -2.17
N TYR A 245 -15.09 -13.20 -1.73
CA TYR A 245 -14.18 -14.01 -0.88
C TYR A 245 -13.98 -13.51 0.56
N GLN A 246 -14.33 -12.29 0.88
CA GLN A 246 -13.92 -11.68 2.17
C GLN A 246 -14.31 -12.58 3.35
N LYS A 247 -15.53 -13.15 3.36
CA LYS A 247 -16.00 -13.98 4.51
C LYS A 247 -15.41 -15.40 4.49
N LYS A 248 -15.09 -15.94 3.32
CA LYS A 248 -14.77 -17.39 3.17
C LYS A 248 -13.28 -17.67 3.25
N TYR A 249 -12.43 -16.69 2.96
CA TYR A 249 -10.98 -16.90 2.90
C TYR A 249 -10.29 -15.77 3.64
N ARG A 250 -9.03 -15.95 3.96
CA ARG A 250 -8.23 -14.95 4.69
C ARG A 250 -7.61 -14.04 3.65
N CYS A 251 -8.32 -12.98 3.26
CA CYS A 251 -7.86 -12.16 2.13
C CYS A 251 -8.23 -10.68 2.27
N PHE A 252 -7.45 -9.84 1.64
CA PHE A 252 -7.71 -8.41 1.51
C PHE A 252 -7.11 -7.87 0.23
N ASN A 253 -7.51 -6.67 -0.11
CA ASN A 253 -7.01 -5.92 -1.28
C ASN A 253 -6.36 -4.64 -0.77
N ASP A 254 -5.06 -4.48 -0.94
CA ASP A 254 -4.36 -3.32 -0.41
C ASP A 254 -4.79 -2.05 -1.13
N ASP A 255 -5.00 -2.10 -2.43
CA ASP A 255 -5.36 -0.89 -3.19
C ASP A 255 -6.64 -0.29 -2.62
N ILE A 256 -7.61 -1.09 -2.30
CA ILE A 256 -8.91 -0.62 -1.78
C ILE A 256 -8.79 -0.40 -0.25
N GLN A 257 -8.50 -1.48 0.48
CA GLN A 257 -8.65 -1.46 1.96
C GLN A 257 -7.44 -0.84 2.63
N GLY A 258 -6.24 -1.08 2.12
CA GLY A 258 -5.02 -0.47 2.65
C GLY A 258 -5.02 1.03 2.45
N THR A 259 -5.29 1.47 1.22
CA THR A 259 -5.31 2.93 0.93
C THR A 259 -6.27 3.64 1.88
N GLY A 260 -7.50 3.16 2.01
CA GLY A 260 -8.48 3.85 2.84
C GLY A 260 -8.03 3.88 4.30
N ALA A 261 -7.40 2.81 4.80
CA ALA A 261 -6.92 2.78 6.19
C ALA A 261 -5.86 3.87 6.37
N VAL A 262 -4.90 3.93 5.48
CA VAL A 262 -3.75 4.88 5.56
C VAL A 262 -4.25 6.33 5.48
N ILE A 263 -5.11 6.59 4.49
N ILE A 263 -5.08 6.63 4.48
CA ILE A 263 -5.60 7.97 4.26
CA ILE A 263 -5.54 8.04 4.28
C ILE A 263 -6.40 8.40 5.49
C ILE A 263 -6.42 8.42 5.47
N ALA A 264 -7.28 7.52 5.97
CA ALA A 264 -8.14 7.86 7.12
C ALA A 264 -7.28 8.22 8.31
N ALA A 265 -6.23 7.43 8.58
CA ALA A 265 -5.36 7.76 9.71
C ALA A 265 -4.71 9.13 9.60
N GLY A 266 -4.15 9.46 8.45
CA GLY A 266 -3.50 10.77 8.28
C GLY A 266 -4.53 11.89 8.34
N PHE A 267 -5.72 11.66 7.79
CA PHE A 267 -6.74 12.71 7.70
C PHE A 267 -7.22 13.07 9.10
N LEU A 268 -7.41 12.07 9.98
N LEU A 268 -7.44 12.06 9.94
CA LEU A 268 -7.84 12.38 11.39
CA LEU A 268 -7.83 12.34 11.35
C LEU A 268 -6.73 13.10 12.15
C LEU A 268 -6.74 13.11 12.09
N ASN A 269 -5.46 12.81 11.86
CA ASN A 269 -4.40 13.62 12.47
C ASN A 269 -4.39 15.04 11.90
N ALA A 270 -4.65 15.21 10.61
CA ALA A 270 -4.82 16.55 10.00
C ALA A 270 -5.94 17.28 10.71
N ILE A 271 -7.07 16.64 10.98
CA ILE A 271 -8.16 17.36 11.70
C ILE A 271 -7.70 17.80 13.08
N LYS A 272 -6.96 16.92 13.75
CA LYS A 272 -6.43 17.28 15.09
C LYS A 272 -5.57 18.50 15.00
N LEU A 273 -4.68 18.58 14.03
CA LEU A 273 -3.81 19.78 13.90
C LEU A 273 -4.62 20.99 13.56
N SER A 274 -5.69 20.85 12.82
CA SER A 274 -6.49 22.01 12.31
C SER A 274 -7.20 22.68 13.48
N GLY A 275 -7.40 21.99 14.60
CA GLY A 275 -8.36 22.45 15.64
C GLY A 275 -9.84 22.37 15.19
N VAL A 276 -10.17 22.54 13.89
CA VAL A 276 -11.53 22.38 13.29
C VAL A 276 -11.89 20.89 13.39
N SER A 277 -12.67 20.55 14.40
CA SER A 277 -13.00 19.18 14.86
C SER A 277 -13.84 18.45 13.83
N PRO A 278 -13.92 17.11 13.88
CA PRO A 278 -14.46 16.40 12.72
C PRO A 278 -15.87 16.83 12.34
N LEU A 279 -16.71 17.13 13.31
CA LEU A 279 -18.11 17.49 12.94
C LEU A 279 -18.16 18.93 12.42
N GLN A 280 -17.12 19.76 12.56
CA GLN A 280 -17.09 21.14 11.99
C GLN A 280 -16.42 21.14 10.60
N GLN A 281 -15.82 20.04 10.17
CA GLN A 281 -15.15 19.98 8.85
C GLN A 281 -16.23 19.98 7.79
N ARG A 282 -15.91 20.65 6.69
CA ARG A 282 -16.70 20.57 5.46
C ARG A 282 -15.74 20.13 4.37
N ILE A 283 -15.91 18.92 3.93
CA ILE A 283 -14.87 18.23 3.13
C ILE A 283 -15.36 18.08 1.69
N VAL A 284 -14.65 18.69 0.74
CA VAL A 284 -14.85 18.37 -0.69
C VAL A 284 -14.06 17.12 -1.06
N VAL A 285 -14.77 16.11 -1.51
CA VAL A 285 -14.18 14.87 -2.03
C VAL A 285 -14.17 15.02 -3.55
N PHE A 286 -13.02 15.37 -4.11
CA PHE A 286 -12.90 15.59 -5.56
C PHE A 286 -12.58 14.26 -6.22
N GLY A 287 -13.57 13.65 -6.83
CA GLY A 287 -13.43 12.30 -7.37
C GLY A 287 -14.46 11.41 -6.74
N ALA A 288 -15.24 10.68 -7.54
CA ALA A 288 -16.41 9.96 -7.03
C ALA A 288 -16.43 8.50 -7.53
N GLY A 289 -15.28 7.93 -7.85
CA GLY A 289 -15.20 6.49 -8.08
C GLY A 289 -15.47 5.69 -6.83
N SER A 290 -15.66 4.40 -6.96
CA SER A 290 -15.87 3.45 -5.83
C SER A 290 -14.74 3.58 -4.81
N ALA A 291 -13.50 3.72 -5.27
CA ALA A 291 -12.34 3.81 -4.36
C ALA A 291 -12.44 5.11 -3.56
N ALA A 292 -12.75 6.22 -4.18
CA ALA A 292 -12.80 7.53 -3.50
C ALA A 292 -13.90 7.48 -2.43
N VAL A 293 -15.03 6.90 -2.79
CA VAL A 293 -16.16 6.85 -1.83
C VAL A 293 -15.76 5.90 -0.68
N GLY A 294 -15.05 4.82 -0.98
CA GLY A 294 -14.44 3.91 0.03
C GLY A 294 -13.56 4.66 1.01
N VAL A 295 -12.74 5.57 0.55
CA VAL A 295 -11.86 6.35 1.44
C VAL A 295 -12.73 7.23 2.32
N ALA A 296 -13.73 7.91 1.77
CA ALA A 296 -14.56 8.80 2.60
C ALA A 296 -15.25 7.95 3.67
N ASN A 297 -15.79 6.81 3.30
CA ASN A 297 -16.46 5.93 4.25
C ASN A 297 -15.47 5.42 5.34
N ASN A 298 -14.22 5.20 4.98
N ASN A 298 -14.22 5.15 4.98
CA ASN A 298 -13.19 4.76 5.96
CA ASN A 298 -13.19 4.76 5.98
C ASN A 298 -12.85 5.90 6.94
C ASN A 298 -12.95 5.91 6.96
N ILE A 299 -12.81 7.14 6.47
CA ILE A 299 -12.63 8.32 7.32
C ILE A 299 -13.80 8.36 8.33
N ALA A 300 -15.02 8.31 7.84
CA ALA A 300 -16.21 8.38 8.73
C ALA A 300 -16.19 7.25 9.76
N ALA A 301 -15.86 6.04 9.30
CA ALA A 301 -15.78 4.87 10.20
C ALA A 301 -14.73 5.10 11.28
N LEU A 302 -13.58 5.65 10.90
CA LEU A 302 -12.50 5.81 11.87
C LEU A 302 -12.91 6.90 12.86
N ALA A 303 -13.45 8.04 12.39
CA ALA A 303 -13.87 9.09 13.34
C ALA A 303 -14.96 8.56 14.26
N ALA A 304 -15.87 7.72 13.82
CA ALA A 304 -16.92 7.17 14.68
C ALA A 304 -16.25 6.28 15.73
N ARG A 305 -15.29 5.48 15.32
CA ARG A 305 -14.59 4.58 16.27
C ARG A 305 -13.81 5.39 17.31
N MET A 306 -13.05 6.40 16.92
CA MET A 306 -12.13 7.09 17.81
C MET A 306 -12.90 8.03 18.74
N TYR A 307 -14.04 8.56 18.29
CA TYR A 307 -14.69 9.72 18.98
C TYR A 307 -16.14 9.45 19.34
N LYS A 308 -16.73 8.41 18.81
CA LYS A 308 -18.15 8.00 19.07
C LYS A 308 -19.04 9.16 18.66
N PHE A 309 -18.70 9.88 17.61
CA PHE A 309 -19.74 10.67 16.90
C PHE A 309 -20.65 9.73 16.14
N PRO A 310 -21.93 10.12 16.01
CA PRO A 310 -22.80 9.33 15.17
C PRO A 310 -22.37 9.36 13.69
N VAL A 311 -22.23 8.18 13.11
CA VAL A 311 -21.65 8.08 11.74
C VAL A 311 -22.50 8.89 10.75
N GLN A 312 -23.81 8.95 10.92
CA GLN A 312 -24.69 9.72 10.01
C GLN A 312 -24.27 11.18 10.04
N ASP A 313 -23.87 11.74 11.17
CA ASP A 313 -23.46 13.15 11.23
C ASP A 313 -22.11 13.29 10.52
N LEU A 314 -21.21 12.30 10.65
CA LEU A 314 -19.91 12.40 9.94
C LEU A 314 -20.11 12.34 8.43
N VAL A 315 -21.03 11.51 7.96
CA VAL A 315 -21.34 11.43 6.49
C VAL A 315 -21.77 12.81 5.95
N LYS A 316 -22.49 13.60 6.72
CA LYS A 316 -22.97 14.95 6.32
C LYS A 316 -21.82 15.94 6.24
N THR A 317 -20.60 15.59 6.65
CA THR A 317 -19.44 16.50 6.44
C THR A 317 -18.91 16.41 5.02
N PHE A 318 -19.30 15.42 4.22
CA PHE A 318 -18.71 15.14 2.89
C PHE A 318 -19.55 15.74 1.77
N TYR A 319 -18.86 16.40 0.86
CA TYR A 319 -19.44 17.00 -0.39
C TYR A 319 -18.72 16.31 -1.53
N LEU A 320 -19.39 15.38 -2.18
CA LEU A 320 -18.80 14.52 -3.19
C LEU A 320 -18.94 15.19 -4.56
N VAL A 321 -17.84 15.35 -5.27
CA VAL A 321 -17.83 15.92 -6.63
C VAL A 321 -17.44 14.82 -7.64
N ASP A 322 -18.34 14.57 -8.59
CA ASP A 322 -18.08 13.69 -9.75
C ASP A 322 -17.83 14.58 -10.98
N THR A 323 -17.70 13.96 -12.15
CA THR A 323 -17.45 14.65 -13.45
C THR A 323 -18.59 15.63 -13.79
N LYS A 324 -19.80 15.41 -13.31
CA LYS A 324 -20.94 16.34 -13.57
C LYS A 324 -20.95 17.51 -12.59
N GLY A 325 -20.43 17.35 -11.36
CA GLY A 325 -20.34 18.42 -10.39
C GLY A 325 -20.66 17.89 -8.99
N LEU A 326 -21.29 18.74 -8.17
CA LEU A 326 -21.61 18.31 -6.79
C LEU A 326 -22.64 17.20 -6.87
N VAL A 327 -22.42 16.10 -6.17
CA VAL A 327 -23.39 14.97 -6.14
C VAL A 327 -24.50 15.32 -5.15
N THR A 328 -25.75 15.46 -5.66
CA THR A 328 -26.95 15.80 -4.85
C THR A 328 -28.13 14.94 -5.31
N THR A 329 -29.10 14.83 -4.41
CA THR A 329 -30.32 14.04 -4.71
C THR A 329 -31.26 14.85 -5.61
N THR A 330 -30.97 16.14 -5.83
CA THR A 330 -31.89 17.02 -6.60
C THR A 330 -31.33 17.43 -7.96
N ARG A 331 -30.20 16.86 -8.37
CA ARG A 331 -29.46 17.15 -9.61
C ARG A 331 -30.21 16.62 -10.85
N GLY A 332 -31.04 15.58 -10.73
CA GLY A 332 -31.89 15.06 -11.84
C GLY A 332 -31.37 13.80 -12.54
N ASP A 333 -30.18 13.30 -12.24
CA ASP A 333 -29.64 12.04 -12.81
C ASP A 333 -29.95 10.86 -11.87
N GLN A 334 -29.84 9.64 -12.38
CA GLN A 334 -29.87 8.39 -11.57
C GLN A 334 -28.44 8.14 -11.09
N LEU A 335 -28.24 8.22 -9.79
CA LEU A 335 -26.86 8.08 -9.23
C LEU A 335 -26.47 6.60 -9.15
N ALA A 336 -25.23 6.28 -9.49
CA ALA A 336 -24.57 4.99 -9.14
C ALA A 336 -24.77 4.71 -7.64
N ALA A 337 -24.94 3.45 -7.26
CA ALA A 337 -25.14 3.03 -5.86
C ALA A 337 -24.10 3.66 -4.93
N HIS A 338 -22.82 3.71 -5.33
CA HIS A 338 -21.74 4.10 -4.40
C HIS A 338 -21.84 5.62 -4.16
N LYS A 339 -22.48 6.38 -5.07
CA LYS A 339 -22.56 7.86 -4.91
C LYS A 339 -23.75 8.23 -4.02
N LYS A 340 -24.75 7.39 -3.91
CA LYS A 340 -26.00 7.78 -3.20
C LYS A 340 -25.77 8.06 -1.73
N LEU A 341 -24.94 7.29 -1.02
CA LEU A 341 -24.93 7.49 0.45
C LEU A 341 -24.29 8.86 0.77
N LEU A 342 -23.39 9.37 -0.09
CA LEU A 342 -22.72 10.67 0.17
C LEU A 342 -23.43 11.83 -0.54
N ALA A 343 -24.44 11.55 -1.31
CA ALA A 343 -25.20 12.62 -2.01
C ALA A 343 -25.80 13.61 -1.02
N ARG A 344 -25.66 14.91 -1.30
CA ARG A 344 -26.31 15.95 -0.50
C ARG A 344 -27.83 15.76 -0.64
N THR A 345 -28.50 15.88 0.50
CA THR A 345 -29.99 15.97 0.60
C THR A 345 -30.43 17.42 0.85
N ASP A 346 -29.50 18.35 1.10
CA ASP A 346 -29.75 19.70 1.63
C ASP A 346 -29.44 20.76 0.53
N VAL A 347 -29.39 20.36 -0.72
CA VAL A 347 -29.07 21.31 -1.81
C VAL A 347 -30.22 21.22 -2.81
N SER A 348 -30.79 22.38 -3.13
CA SER A 348 -31.97 22.46 -4.02
C SER A 348 -31.56 22.10 -5.42
N ALA A 349 -32.55 21.79 -6.26
CA ALA A 349 -32.34 21.52 -7.70
C ALA A 349 -31.74 22.76 -8.37
N GLU A 350 -32.17 23.97 -7.98
CA GLU A 350 -31.76 25.25 -8.63
C GLU A 350 -30.28 25.46 -8.31
N ASP A 351 -29.90 25.19 -7.06
CA ASP A 351 -28.47 25.30 -6.64
C ASP A 351 -27.66 24.20 -7.35
N SER A 352 -28.15 22.97 -7.44
CA SER A 352 -27.43 21.85 -8.10
C SER A 352 -27.04 22.22 -9.53
N ALA A 353 -27.92 22.92 -10.27
CA ALA A 353 -27.63 23.25 -11.69
C ALA A 353 -26.51 24.29 -11.77
N LYS A 354 -26.20 24.97 -10.67
CA LYS A 354 -25.13 25.99 -10.62
C LYS A 354 -23.92 25.45 -9.85
N LEU A 355 -23.82 24.14 -9.69
CA LEU A 355 -22.74 23.52 -8.86
C LEU A 355 -22.06 22.44 -9.68
N ARG A 356 -21.42 22.91 -10.76
CA ARG A 356 -20.81 22.03 -11.78
C ARG A 356 -19.28 22.14 -11.76
N THR A 357 -18.75 23.35 -11.73
CA THR A 357 -17.29 23.52 -11.77
C THR A 357 -16.76 23.52 -10.35
N LEU A 358 -15.54 22.99 -10.17
CA LEU A 358 -15.01 22.90 -8.81
C LEU A 358 -14.91 24.28 -8.15
N GLU A 359 -14.55 25.33 -8.91
N GLU A 359 -14.54 25.35 -8.88
CA GLU A 359 -14.42 26.68 -8.31
CA GLU A 359 -14.43 26.70 -8.27
C GLU A 359 -15.78 27.13 -7.73
C GLU A 359 -15.79 27.13 -7.71
N GLU A 360 -16.89 26.93 -8.45
CA GLU A 360 -18.20 27.39 -7.94
C GLU A 360 -18.70 26.49 -6.80
N ILE A 361 -18.30 25.21 -6.84
CA ILE A 361 -18.67 24.25 -5.76
C ILE A 361 -17.96 24.66 -4.47
N VAL A 362 -16.69 25.01 -4.60
CA VAL A 362 -15.91 25.47 -3.43
C VAL A 362 -16.48 26.80 -2.91
N ARG A 363 -16.89 27.72 -3.79
CA ARG A 363 -17.47 29.01 -3.33
C ARG A 363 -18.76 28.80 -2.55
N PHE A 364 -19.56 27.84 -2.95
CA PHE A 364 -20.87 27.55 -2.33
C PHE A 364 -20.76 26.74 -1.01
N VAL A 365 -19.96 25.68 -1.04
CA VAL A 365 -19.82 24.70 0.09
C VAL A 365 -18.99 25.32 1.21
N LYS A 366 -18.03 26.18 0.88
CA LYS A 366 -17.16 26.81 1.87
C LYS A 366 -16.46 25.69 2.66
N PRO A 367 -15.68 24.87 1.96
CA PRO A 367 -15.02 23.74 2.63
C PRO A 367 -13.79 24.19 3.41
N THR A 368 -13.47 23.35 4.38
CA THR A 368 -12.28 23.43 5.24
C THR A 368 -11.24 22.40 4.80
N THR A 369 -11.62 21.43 3.97
CA THR A 369 -10.75 20.33 3.48
C THR A 369 -11.00 20.10 2.01
N LEU A 370 -9.96 19.91 1.23
CA LEU A 370 -10.02 19.39 -0.15
C LEU A 370 -9.33 18.03 -0.20
N LEU A 371 -10.09 16.99 -0.47
CA LEU A 371 -9.52 15.64 -0.70
CA LEU A 371 -9.54 15.63 -0.69
C LEU A 371 -9.42 15.35 -2.20
N GLY A 372 -8.19 15.24 -2.72
CA GLY A 372 -7.98 15.06 -4.17
C GLY A 372 -7.89 13.59 -4.50
N LEU A 373 -8.97 12.98 -5.01
CA LEU A 373 -9.05 11.55 -5.39
C LEU A 373 -9.52 11.46 -6.87
N GLY A 374 -9.21 12.47 -7.69
CA GLY A 374 -9.91 12.79 -8.98
C GLY A 374 -9.26 12.09 -10.16
N GLY A 375 -7.95 11.87 -10.12
CA GLY A 375 -7.15 11.27 -11.23
C GLY A 375 -7.20 12.06 -12.53
N VAL A 376 -7.28 13.40 -12.47
CA VAL A 376 -7.54 14.29 -13.66
C VAL A 376 -6.57 15.49 -13.70
N GLY A 377 -5.55 15.55 -12.84
CA GLY A 377 -4.58 16.67 -12.85
C GLY A 377 -4.86 17.77 -11.84
N PRO A 378 -4.21 18.95 -12.02
CA PRO A 378 -4.11 20.00 -11.01
C PRO A 378 -5.36 20.88 -10.83
N ALA A 379 -6.42 20.28 -10.30
CA ALA A 379 -7.74 20.90 -10.13
C ALA A 379 -7.77 21.84 -8.93
N PHE A 380 -6.90 21.70 -7.92
CA PHE A 380 -6.91 22.61 -6.76
C PHE A 380 -6.08 23.86 -7.06
N THR A 381 -6.71 24.82 -7.75
CA THR A 381 -6.04 26.03 -8.29
C THR A 381 -5.72 27.03 -7.18
N GLU A 382 -4.88 28.01 -7.48
CA GLU A 382 -4.65 29.09 -6.51
C GLU A 382 -5.94 29.75 -6.00
N GLU A 383 -6.91 29.99 -6.90
CA GLU A 383 -8.17 30.67 -6.54
C GLU A 383 -8.94 29.77 -5.55
N ILE A 384 -8.90 28.47 -5.82
CA ILE A 384 -9.62 27.49 -4.94
C ILE A 384 -8.96 27.42 -3.54
N VAL A 385 -7.65 27.34 -3.47
CA VAL A 385 -6.95 27.31 -2.16
C VAL A 385 -7.23 28.62 -1.40
N LYS A 386 -7.23 29.80 -2.05
CA LYS A 386 -7.47 31.09 -1.35
C LYS A 386 -8.89 31.12 -0.78
N MET A 387 -9.84 30.46 -1.45
CA MET A 387 -11.21 30.40 -0.91
C MET A 387 -11.23 29.54 0.36
N VAL A 388 -10.54 28.41 0.34
CA VAL A 388 -10.53 27.53 1.55
C VAL A 388 -9.98 28.32 2.75
N MET A 389 -8.99 29.19 2.49
N MET A 389 -9.00 29.21 2.52
CA MET A 389 -8.39 30.10 3.50
CA MET A 389 -8.42 30.07 3.59
C MET A 389 -9.42 31.03 4.15
C MET A 389 -9.45 31.03 4.18
N GLN A 390 -10.55 31.30 3.48
CA GLN A 390 -11.63 32.14 4.04
C GLN A 390 -12.42 31.33 5.07
N ASN A 391 -12.31 29.99 5.07
CA ASN A 391 -13.25 29.16 5.86
C ASN A 391 -12.57 28.48 7.07
N THR A 392 -11.26 28.57 7.16
CA THR A 392 -10.49 27.88 8.22
C THR A 392 -9.13 28.54 8.26
N GLU A 393 -8.55 28.61 9.43
CA GLU A 393 -7.15 29.09 9.56
C GLU A 393 -6.17 28.02 9.06
N ARG A 394 -6.55 26.73 9.03
CA ARG A 394 -5.64 25.61 8.68
C ARG A 394 -6.29 24.71 7.63
N PRO A 395 -6.27 25.08 6.33
CA PRO A 395 -6.85 24.27 5.26
C PRO A 395 -6.17 22.88 5.20
N ILE A 396 -6.96 21.84 5.18
CA ILE A 396 -6.44 20.49 4.94
C ILE A 396 -6.51 20.22 3.44
N ILE A 397 -5.37 19.98 2.78
CA ILE A 397 -5.28 19.79 1.32
C ILE A 397 -4.54 18.49 1.04
N PHE A 398 -5.24 17.47 0.54
CA PHE A 398 -4.70 16.12 0.28
C PHE A 398 -4.74 15.85 -1.22
N PRO A 399 -3.68 16.23 -1.97
CA PRO A 399 -3.57 15.81 -3.38
C PRO A 399 -3.04 14.39 -3.51
N LEU A 400 -3.93 13.43 -3.58
CA LEU A 400 -3.54 12.00 -3.47
C LEU A 400 -3.49 11.32 -4.84
N SER A 401 -3.96 11.93 -5.91
CA SER A 401 -3.92 11.28 -7.25
C SER A 401 -2.46 11.10 -7.71
N ASN A 402 -2.15 9.91 -8.23
CA ASN A 402 -0.81 9.50 -8.75
C ASN A 402 -0.88 9.32 -10.25
N PRO A 403 0.17 9.68 -11.05
CA PRO A 403 1.45 10.18 -10.54
C PRO A 403 1.40 11.69 -10.28
N THR A 404 2.54 12.25 -9.88
CA THR A 404 2.72 13.67 -9.50
C THR A 404 2.07 14.60 -10.55
N SER A 405 2.04 14.17 -11.81
CA SER A 405 1.40 14.89 -12.95
C SER A 405 -0.13 14.98 -12.76
N LYS A 406 -0.77 13.91 -12.26
CA LYS A 406 -2.24 13.81 -12.13
C LYS A 406 -2.73 14.44 -10.81
N ALA A 407 -1.79 14.79 -9.92
CA ALA A 407 -2.02 15.29 -8.54
C ALA A 407 -2.73 16.64 -8.59
N GLU A 408 -3.55 16.90 -7.59
CA GLU A 408 -4.46 18.05 -7.64
C GLU A 408 -3.72 19.38 -7.42
N VAL A 409 -2.59 19.38 -6.72
CA VAL A 409 -1.81 20.60 -6.38
C VAL A 409 -0.44 20.10 -5.87
N THR A 410 0.62 20.85 -6.10
CA THR A 410 1.93 20.51 -5.53
C THR A 410 1.89 20.91 -4.06
N PRO A 411 2.50 20.12 -3.13
CA PRO A 411 2.58 20.65 -1.76
C PRO A 411 3.25 22.03 -1.75
N GLU A 412 4.26 22.26 -2.58
CA GLU A 412 4.92 23.58 -2.60
C GLU A 412 3.88 24.70 -2.80
N ASN A 413 3.00 24.55 -3.78
CA ASN A 413 1.97 25.59 -4.07
C ASN A 413 1.00 25.69 -2.90
N ALA A 414 0.55 24.55 -2.36
CA ALA A 414 -0.36 24.58 -1.22
C ALA A 414 0.23 25.39 -0.07
N TYR A 415 1.52 25.15 0.26
CA TYR A 415 2.14 25.86 1.40
C TYR A 415 2.35 27.35 1.07
N LYS A 416 2.80 27.65 -0.14
CA LYS A 416 3.06 29.05 -0.57
C LYS A 416 1.75 29.85 -0.49
N TRP A 417 0.69 29.31 -1.11
CA TRP A 417 -0.60 30.04 -1.25
C TRP A 417 -1.25 30.27 0.12
N THR A 418 -1.00 29.40 1.11
CA THR A 418 -1.59 29.50 2.45
C THR A 418 -0.58 30.08 3.44
N ASN A 419 0.59 30.49 2.93
CA ASN A 419 1.67 31.08 3.77
C ASN A 419 2.00 30.10 4.91
N GLY A 420 2.05 28.80 4.61
CA GLY A 420 2.44 27.77 5.60
C GLY A 420 1.28 27.23 6.39
N ALA A 421 0.05 27.65 6.14
CA ALA A 421 -1.11 27.21 6.96
C ALA A 421 -1.64 25.84 6.50
N ALA A 422 -1.41 25.46 5.26
CA ALA A 422 -2.01 24.22 4.70
C ALA A 422 -1.44 23.03 5.46
N ILE A 423 -2.29 22.06 5.75
CA ILE A 423 -1.89 20.73 6.29
C ILE A 423 -2.03 19.73 5.13
N VAL A 424 -0.92 19.13 4.71
CA VAL A 424 -0.83 18.43 3.41
C VAL A 424 -0.34 17.01 3.58
N ALA A 425 -1.08 16.09 2.98
CA ALA A 425 -0.64 14.69 2.77
C ALA A 425 -0.64 14.46 1.28
N SER A 426 0.33 13.70 0.84
CA SER A 426 0.61 13.45 -0.58
C SER A 426 0.59 11.96 -0.87
N GLY A 427 0.46 11.67 -2.17
CA GLY A 427 0.49 10.29 -2.66
C GLY A 427 1.92 9.87 -2.98
N SER A 428 2.82 10.84 -3.14
CA SER A 428 4.24 10.65 -3.53
C SER A 428 5.13 11.46 -2.60
N PRO A 429 6.43 11.13 -2.49
CA PRO A 429 7.34 11.88 -1.63
C PRO A 429 7.61 13.20 -2.36
N PHE A 430 7.69 14.28 -1.58
CA PHE A 430 8.12 15.62 -2.06
C PHE A 430 9.17 16.20 -1.13
N PRO A 431 10.09 17.02 -1.70
CA PRO A 431 11.08 17.72 -0.89
C PRO A 431 10.39 18.72 0.02
N PRO A 432 11.08 19.16 1.09
CA PRO A 432 10.54 20.19 1.97
C PRO A 432 10.47 21.52 1.21
N THR A 433 9.55 22.37 1.65
CA THR A 433 9.31 23.76 1.19
C THR A 433 9.64 24.67 2.36
N THR A 434 10.44 25.72 2.14
CA THR A 434 10.80 26.67 3.19
C THR A 434 10.14 28.01 2.85
N ILE A 435 9.42 28.56 3.81
CA ILE A 435 8.69 29.86 3.68
C ILE A 435 9.00 30.75 4.89
N GLY A 436 9.70 31.85 4.68
CA GLY A 436 10.00 32.78 5.78
C GLY A 436 10.93 32.12 6.80
N GLY A 437 11.80 31.23 6.34
CA GLY A 437 12.71 30.46 7.22
C GLY A 437 12.04 29.30 7.94
N LYS A 438 10.73 29.07 7.76
CA LYS A 438 10.00 27.96 8.42
C LYS A 438 9.84 26.84 7.38
N THR A 439 10.11 25.58 7.79
CA THR A 439 10.15 24.48 6.83
C THR A 439 8.85 23.67 7.01
N PHE A 440 8.33 23.28 5.87
CA PHE A 440 7.11 22.45 5.73
C PHE A 440 7.46 21.28 4.82
N LYS A 441 6.85 20.14 5.12
CA LYS A 441 6.99 18.98 4.25
C LYS A 441 5.73 18.14 4.36
N PRO A 442 5.23 17.68 3.22
CA PRO A 442 3.98 16.93 3.26
C PRO A 442 4.21 15.59 3.93
N SER A 443 3.14 15.03 4.49
CA SER A 443 3.17 13.67 5.03
C SER A 443 2.71 12.75 3.90
N GLN A 444 3.56 11.83 3.50
CA GLN A 444 3.18 10.88 2.44
C GLN A 444 2.34 9.75 3.05
N GLY A 445 1.14 9.51 2.53
CA GLY A 445 0.28 8.41 2.98
C GLY A 445 0.67 7.12 2.26
N ASN A 446 1.89 6.61 2.54
CA ASN A 446 2.33 5.39 1.81
CA ASN A 446 2.45 5.36 1.98
C ASN A 446 1.55 4.17 2.32
N ASN A 447 1.17 3.30 1.38
CA ASN A 447 0.43 2.08 1.77
C ASN A 447 1.30 1.18 2.66
N LEU A 448 2.62 1.35 2.60
CA LEU A 448 3.53 0.54 3.44
C LEU A 448 3.14 0.67 4.90
N TYR A 449 2.51 1.77 5.34
CA TYR A 449 2.18 1.94 6.78
C TYR A 449 1.25 0.84 7.28
N VAL A 450 0.42 0.26 6.42
CA VAL A 450 -0.64 -0.66 6.87
C VAL A 450 -0.50 -2.11 6.39
N PHE A 451 -0.36 -2.38 5.10
CA PHE A 451 -0.41 -3.81 4.69
C PHE A 451 0.61 -4.69 5.40
N PRO A 452 1.88 -4.29 5.63
CA PRO A 452 2.79 -5.22 6.30
C PRO A 452 2.29 -5.65 7.68
N GLY A 453 1.82 -4.70 8.48
CA GLY A 453 1.29 -5.02 9.81
C GLY A 453 0.04 -5.86 9.73
N VAL A 454 -0.85 -5.60 8.77
CA VAL A 454 -2.03 -6.52 8.61
C VAL A 454 -1.53 -7.93 8.25
N GLY A 455 -0.57 -8.04 7.35
CA GLY A 455 0.00 -9.36 7.03
C GLY A 455 0.63 -10.06 8.21
N LEU A 456 1.44 -9.33 8.99
CA LEU A 456 2.10 -9.93 10.16
C LEU A 456 1.04 -10.29 11.24
N GLY A 457 0.05 -9.42 11.44
CA GLY A 457 -0.99 -9.73 12.43
C GLY A 457 -1.80 -10.94 12.03
N CYS A 458 -2.14 -11.08 10.75
CA CYS A 458 -3.03 -12.16 10.23
C CYS A 458 -2.14 -13.40 10.19
N ALA A 459 -0.83 -13.32 9.94
CA ALA A 459 0.08 -14.49 9.93
C ALA A 459 0.19 -15.09 11.31
N LEU A 460 0.19 -14.25 12.34
CA LEU A 460 0.37 -14.66 13.76
C LEU A 460 -1.00 -15.12 14.26
N ALA A 461 -2.05 -14.36 14.10
CA ALA A 461 -3.36 -14.70 14.73
C ALA A 461 -4.07 -15.78 13.96
N GLN A 462 -3.75 -15.95 12.67
N GLN A 462 -3.73 -15.97 12.68
CA GLN A 462 -4.43 -16.94 11.81
CA GLN A 462 -4.43 -16.93 11.78
C GLN A 462 -5.94 -16.76 11.91
C GLN A 462 -5.94 -16.76 11.91
N PRO A 463 -6.51 -15.57 11.63
CA PRO A 463 -7.95 -15.40 11.72
C PRO A 463 -8.66 -16.16 10.60
N THR A 464 -9.90 -16.55 10.86
CA THR A 464 -10.70 -17.28 9.87
C THR A 464 -10.87 -16.45 8.60
N HIS A 465 -10.89 -15.15 8.74
CA HIS A 465 -11.08 -14.18 7.65
C HIS A 465 -10.59 -12.82 8.14
N ILE A 466 -10.64 -11.81 7.29
CA ILE A 466 -10.16 -10.45 7.60
C ILE A 466 -11.36 -9.52 7.44
N PRO A 467 -12.22 -9.44 8.48
CA PRO A 467 -13.35 -8.55 8.40
C PRO A 467 -12.91 -7.09 8.47
N GLU A 468 -13.82 -6.20 8.10
N GLU A 468 -13.84 -6.19 8.11
CA GLU A 468 -13.54 -4.75 8.06
CA GLU A 468 -13.57 -4.74 8.06
C GLU A 468 -13.05 -4.23 9.42
C GLU A 468 -13.05 -4.23 9.42
N GLU A 469 -13.46 -4.86 10.51
CA GLU A 469 -12.98 -4.46 11.85
C GLU A 469 -11.44 -4.50 11.92
N LEU A 470 -10.82 -5.48 11.29
CA LEU A 470 -9.32 -5.56 11.44
C LEU A 470 -8.67 -4.40 10.69
N LEU A 471 -9.18 -4.02 9.52
CA LEU A 471 -8.59 -2.89 8.77
C LEU A 471 -8.84 -1.59 9.55
N LEU A 472 -10.01 -1.44 10.14
CA LEU A 472 -10.34 -0.23 10.94
C LEU A 472 -9.40 -0.13 12.15
N THR A 473 -9.17 -1.25 12.83
CA THR A 473 -8.23 -1.31 13.95
C THR A 473 -6.84 -0.93 13.46
N ALA A 474 -6.43 -1.38 12.27
CA ALA A 474 -5.10 -1.02 11.76
C ALA A 474 -4.99 0.48 11.50
N SER A 475 -6.07 1.04 10.94
CA SER A 475 -6.14 2.48 10.67
C SER A 475 -5.98 3.27 11.99
N GLU A 476 -6.73 2.86 12.99
CA GLU A 476 -6.69 3.52 14.32
C GLU A 476 -5.27 3.40 14.90
N SER A 477 -4.71 2.20 14.88
CA SER A 477 -3.37 1.94 15.42
C SER A 477 -2.37 2.90 14.78
N LEU A 478 -2.43 3.01 13.46
CA LEU A 478 -1.51 3.93 12.73
C LEU A 478 -1.72 5.36 13.20
N ASN A 479 -2.97 5.79 13.30
CA ASN A 479 -3.26 7.16 13.76
C ASN A 479 -2.62 7.44 15.11
N LEU A 480 -2.75 6.49 16.02
CA LEU A 480 -2.32 6.65 17.42
C LEU A 480 -0.81 6.53 17.55
N LEU A 481 -0.13 5.98 16.55
CA LEU A 481 1.36 5.93 16.60
C LEU A 481 1.97 7.29 16.35
N THR A 482 1.23 8.26 15.83
CA THR A 482 1.81 9.59 15.56
C THR A 482 1.97 10.28 16.95
N THR A 483 3.21 10.56 17.36
CA THR A 483 3.51 11.02 18.74
C THR A 483 3.14 12.50 18.90
N GLU A 484 3.00 12.96 20.15
CA GLU A 484 2.72 14.40 20.42
C GLU A 484 3.84 15.19 19.76
N GLY A 485 5.07 14.70 19.84
CA GLY A 485 6.24 15.33 19.20
C GLY A 485 6.11 15.39 17.69
N ASP A 486 5.82 14.26 17.03
CA ASP A 486 5.53 14.14 15.55
C ASP A 486 4.44 15.22 15.20
N LEU A 487 3.32 15.24 15.93
CA LEU A 487 2.20 16.20 15.65
C LEU A 487 2.64 17.65 15.85
N ARG A 488 3.41 17.95 16.89
CA ARG A 488 3.89 19.35 17.12
C ARG A 488 4.72 19.78 15.90
N GLU A 489 5.40 18.86 15.22
CA GLU A 489 6.25 19.13 14.01
C GLU A 489 5.44 19.05 12.68
N GLY A 490 4.12 18.88 12.75
CA GLY A 490 3.22 18.87 11.58
C GLY A 490 3.13 17.53 10.90
N ARG A 491 3.66 16.44 11.49
CA ARG A 491 3.63 15.14 10.77
C ARG A 491 2.28 14.50 11.03
N LEU A 492 1.78 13.80 10.03
CA LEU A 492 0.48 13.14 10.18
C LEU A 492 0.64 11.66 10.45
N TYR A 493 1.81 11.12 10.22
CA TYR A 493 2.10 9.69 10.39
C TYR A 493 3.35 9.56 11.23
N PRO A 494 3.57 8.40 11.82
CA PRO A 494 4.90 8.06 12.39
C PRO A 494 5.88 7.99 11.23
N PRO A 495 7.18 8.13 11.51
CA PRO A 495 8.14 8.17 10.40
C PRO A 495 8.28 6.83 9.66
N LEU A 496 8.38 6.86 8.33
CA LEU A 496 8.41 5.62 7.50
C LEU A 496 9.63 4.77 7.90
N GLU A 497 10.72 5.42 8.30
CA GLU A 497 11.97 4.70 8.65
C GLU A 497 11.74 3.75 9.81
N ASP A 498 10.72 4.02 10.65
CA ASP A 498 10.39 3.25 11.87
CA ASP A 498 10.40 3.25 11.87
C ASP A 498 9.39 2.16 11.52
N ILE A 499 9.39 1.71 10.26
CA ILE A 499 8.32 0.77 9.81
C ILE A 499 8.31 -0.50 10.64
N HIS A 500 9.44 -1.05 11.10
CA HIS A 500 9.30 -2.26 11.90
C HIS A 500 8.47 -2.01 13.18
N ASN A 501 8.76 -0.96 13.91
CA ASN A 501 7.98 -0.64 15.13
C ASN A 501 6.53 -0.37 14.70
N ILE A 502 6.33 0.35 13.64
CA ILE A 502 4.93 0.62 13.17
C ILE A 502 4.22 -0.69 12.93
N SER A 503 4.81 -1.55 12.09
CA SER A 503 4.17 -2.84 11.75
C SER A 503 3.90 -3.63 13.03
N ALA A 504 4.88 -3.73 13.95
CA ALA A 504 4.69 -4.53 15.19
C ALA A 504 3.47 -4.00 15.96
N ASN A 505 3.28 -2.69 16.02
CA ASN A 505 2.12 -2.10 16.74
C ASN A 505 0.82 -2.36 15.96
N VAL A 506 0.82 -2.14 14.66
CA VAL A 506 -0.40 -2.42 13.83
C VAL A 506 -0.76 -3.89 13.97
N ALA A 507 0.23 -4.78 13.86
CA ALA A 507 -0.05 -6.23 13.97
C ALA A 507 -0.65 -6.53 15.34
N THR A 508 -0.07 -5.97 16.38
CA THR A 508 -0.52 -6.22 17.78
C THR A 508 -2.02 -5.85 17.92
N ASP A 509 -2.35 -4.68 17.40
CA ASP A 509 -3.74 -4.19 17.53
C ASP A 509 -4.68 -5.03 16.66
N VAL A 510 -4.25 -5.44 15.48
CA VAL A 510 -5.03 -6.35 14.63
C VAL A 510 -5.28 -7.66 15.37
N ILE A 511 -4.25 -8.22 16.00
CA ILE A 511 -4.39 -9.51 16.73
C ILE A 511 -5.37 -9.36 17.89
N LEU A 512 -5.27 -8.29 18.62
CA LEU A 512 -6.20 -8.05 19.76
C LEU A 512 -7.63 -7.99 19.23
N GLU A 513 -7.86 -7.37 18.07
CA GLU A 513 -9.23 -7.25 17.52
C GLU A 513 -9.68 -8.64 17.07
N ALA A 514 -8.82 -9.44 16.44
CA ALA A 514 -9.19 -10.81 16.05
C ALA A 514 -9.50 -11.62 17.32
N GLN A 515 -8.73 -11.43 18.38
CA GLN A 515 -9.03 -12.10 19.69
C GLN A 515 -10.38 -11.69 20.29
N ARG A 516 -10.71 -10.40 20.25
CA ARG A 516 -12.01 -9.88 20.75
C ARG A 516 -13.13 -10.54 19.95
N MET A 517 -12.96 -10.72 18.63
CA MET A 517 -14.02 -11.26 17.72
C MET A 517 -14.04 -12.78 17.77
N LYS A 518 -13.04 -13.40 18.42
CA LYS A 518 -12.91 -14.88 18.55
C LYS A 518 -12.80 -15.51 17.16
N ILE A 519 -12.06 -14.85 16.24
CA ILE A 519 -11.79 -15.41 14.90
C ILE A 519 -10.32 -15.86 14.78
N ASP A 520 -9.53 -15.68 15.83
CA ASP A 520 -8.09 -16.05 15.87
C ASP A 520 -7.97 -17.56 16.07
N ASN A 521 -7.10 -18.23 15.33
CA ASN A 521 -6.94 -19.70 15.40
C ASN A 521 -5.63 -20.03 16.13
N ASN A 522 -4.73 -19.08 16.32
CA ASN A 522 -3.47 -19.27 17.09
C ASN A 522 -3.63 -18.95 18.58
N LYS A 523 -3.72 -20.02 19.43
CA LYS A 523 -3.95 -19.91 20.88
C LYS A 523 -2.63 -19.78 21.68
N LYS A 524 -1.47 -19.66 21.01
CA LYS A 524 -0.18 -19.46 21.70
C LYS A 524 0.04 -17.99 22.04
N LEU A 525 -0.70 -17.09 21.44
CA LEU A 525 -0.33 -15.67 21.53
C LEU A 525 -0.74 -15.10 22.87
N PRO A 526 0.01 -14.14 23.42
CA PRO A 526 -0.48 -13.31 24.51
C PRO A 526 -1.79 -12.58 24.16
N ARG A 527 -2.55 -12.22 25.17
CA ARG A 527 -3.86 -11.55 24.99
C ARG A 527 -3.89 -10.14 25.59
N THR A 528 -2.77 -9.62 26.09
CA THR A 528 -2.61 -8.26 26.65
C THR A 528 -1.61 -7.53 25.79
N ARG A 529 -1.80 -6.22 25.69
CA ARG A 529 -1.11 -5.45 24.64
C ARG A 529 0.40 -5.41 24.88
N ASP A 530 0.90 -5.12 26.09
CA ASP A 530 2.35 -4.97 26.26
C ASP A 530 3.05 -6.28 25.94
N GLU A 531 2.54 -7.38 26.48
CA GLU A 531 3.19 -8.71 26.31
C GLU A 531 3.11 -9.12 24.83
N LEU A 532 1.97 -8.85 24.18
CA LEU A 532 1.81 -9.24 22.78
C LEU A 532 2.76 -8.43 21.92
N LEU A 533 2.85 -7.14 22.13
CA LEU A 533 3.73 -6.30 21.33
C LEU A 533 5.15 -6.89 21.43
N ALA A 534 5.63 -7.16 22.64
CA ALA A 534 7.00 -7.73 22.79
C ALA A 534 7.11 -9.04 22.01
N PHE A 535 6.10 -9.89 22.05
CA PHE A 535 6.09 -11.19 21.38
C PHE A 535 6.16 -11.01 19.86
N VAL A 536 5.35 -10.10 19.35
CA VAL A 536 5.29 -9.80 17.89
C VAL A 536 6.66 -9.29 17.44
N LYS A 537 7.28 -8.39 18.16
CA LYS A 537 8.61 -7.85 17.76
C LYS A 537 9.62 -8.99 17.67
N LYS A 538 9.58 -9.92 18.63
CA LYS A 538 10.55 -11.06 18.62
C LYS A 538 10.27 -11.98 17.44
N ALA A 539 9.02 -12.10 16.95
CA ALA A 539 8.66 -12.98 15.82
C ALA A 539 9.17 -12.47 14.47
N MET A 540 9.45 -11.16 14.34
CA MET A 540 9.77 -10.54 13.06
C MET A 540 11.15 -10.99 12.58
N TRP A 541 11.23 -11.32 11.31
CA TRP A 541 12.55 -11.56 10.65
C TRP A 541 13.28 -10.24 10.54
N LYS A 542 14.54 -10.19 10.93
N LYS A 542 14.56 -10.26 10.87
CA LYS A 542 15.31 -8.94 10.78
CA LYS A 542 15.46 -9.09 10.96
C LYS A 542 16.50 -9.19 9.88
C LYS A 542 16.55 -9.22 9.90
N PRO A 543 16.85 -8.19 9.07
CA PRO A 543 17.95 -8.33 8.10
C PRO A 543 19.26 -8.00 8.81
N VAL A 544 19.64 -8.98 9.65
CA VAL A 544 20.96 -8.98 10.33
C VAL A 544 21.53 -10.38 10.22
N TYR A 545 22.84 -10.52 10.25
CA TYR A 545 23.45 -11.87 10.12
C TYR A 545 23.19 -12.68 11.40
N SER A 546 22.43 -13.77 11.32
CA SER A 546 22.00 -14.57 12.51
C SER A 546 22.69 -15.93 12.62
N GLY A 547 22.94 -16.64 11.50
CA GLY A 547 23.49 -18.01 11.48
C GLY A 547 22.61 -18.99 10.72
#